data_9VTV
#
_entry.id   9VTV
#
_cell.length_a   45.913
_cell.length_b   63.926
_cell.length_c   77.947
_cell.angle_alpha   90.00
_cell.angle_beta   90.18
_cell.angle_gamma   90.00
#
_symmetry.space_group_name_H-M   'P 1 21 1'
#
loop_
_entity.id
_entity.type
_entity.pdbx_description
1 polymer 'DUF3142 domain-containing protein'
2 non-polymer 'S,R MESO-TARTARIC ACID'
3 water water
#
_entity_poly.entity_id   1
_entity_poly.type   'polypeptide(L)'
_entity_poly.pdbx_seq_one_letter_code
;HHHHHHSSGLVPRGSH(MSE)AS(MSE)TGGQQ(MSE)GRGSEVSDKLQLSHKVYAHDYQAFWLWSGVNPQPALQQANQV
YLHQGEVVIRQRAAWFQK(MSE)GLPSSRLTLPA(MSE)WVTVRITTLDVPDDILAILIDLPRRWAAAGNQVIGLQIDFD
AGTYRLDDYAGFLRRVRTKLDPNFALGVTGLLDWAKTGSIQQLNALPIDELVIQTYQGRSTVNQYSRYLPALLQLRLPFK
IGLVQHGEWDPQWEQYLAASPFYRGEVVFLLNHLRSEPANGK
;
_entity_poly.pdbx_strand_id   A,B
#
# COMPACT_ATOMS: atom_id res chain seq x y z
N SER A 39 4.31 10.50 -12.70
CA SER A 39 4.88 10.58 -11.36
C SER A 39 5.83 11.78 -11.26
N HIS A 40 5.25 12.98 -11.20
CA HIS A 40 6.04 14.19 -11.17
C HIS A 40 6.39 14.55 -9.73
N LYS A 41 6.88 15.76 -9.53
CA LYS A 41 7.15 16.28 -8.20
C LYS A 41 5.86 16.77 -7.57
N VAL A 42 5.93 17.17 -6.32
CA VAL A 42 4.77 17.63 -5.57
C VAL A 42 4.66 19.13 -5.76
N TYR A 43 3.51 19.58 -6.28
CA TYR A 43 3.23 20.98 -6.47
C TYR A 43 2.10 21.40 -5.54
N ALA A 44 2.28 22.50 -4.82
CA ALA A 44 1.30 22.94 -3.85
C ALA A 44 -0.02 23.29 -4.52
N HIS A 45 0.00 23.75 -5.77
CA HIS A 45 -1.23 24.13 -6.43
C HIS A 45 -2.16 22.93 -6.67
N ASP A 46 -1.70 21.71 -6.44
CA ASP A 46 -2.54 20.52 -6.60
C ASP A 46 -3.09 19.99 -5.28
N TYR A 47 -2.85 20.67 -4.17
CA TYR A 47 -3.20 20.18 -2.85
C TYR A 47 -3.85 21.30 -2.04
N GLN A 48 -4.43 20.91 -0.90
CA GLN A 48 -5.31 21.79 -0.13
C GLN A 48 -5.07 21.73 1.37
N ALA A 49 -3.98 21.14 1.83
CA ALA A 49 -3.62 21.13 3.25
C ALA A 49 -2.11 21.23 3.35
N PHE A 50 -1.64 21.98 4.33
CA PHE A 50 -0.22 22.33 4.39
C PHE A 50 0.31 22.43 5.81
N TRP A 51 1.60 22.12 5.96
CA TRP A 51 2.37 22.51 7.13
C TRP A 51 3.03 23.86 6.87
N LEU A 52 2.95 24.75 7.83
CA LEU A 52 3.74 25.99 7.82
C LEU A 52 4.73 25.87 8.98
N TRP A 53 5.98 25.55 8.67
CA TRP A 53 6.99 25.27 9.67
C TRP A 53 7.66 26.57 10.14
N SER A 54 8.38 26.46 11.24
CA SER A 54 9.24 27.55 11.67
C SER A 54 10.25 27.86 10.57
N GLY A 55 10.34 29.13 10.21
CA GLY A 55 11.28 29.58 9.20
C GLY A 55 10.81 29.49 7.77
N VAL A 56 9.58 29.08 7.53
CA VAL A 56 9.01 28.96 6.20
C VAL A 56 8.07 30.12 6.00
N ASN A 57 8.16 30.77 4.84
CA ASN A 57 7.29 31.88 4.51
C ASN A 57 5.94 31.38 4.02
N PRO A 58 4.86 32.09 4.35
CA PRO A 58 3.56 31.73 3.78
C PRO A 58 3.60 31.79 2.26
N GLN A 59 2.77 30.97 1.63
CA GLN A 59 2.72 30.89 0.18
C GLN A 59 1.27 31.05 -0.28
N PRO A 60 1.06 31.52 -1.50
CA PRO A 60 -0.32 31.69 -1.99
C PRO A 60 -1.14 30.44 -1.96
N ALA A 61 -0.52 29.26 -1.93
CA ALA A 61 -1.28 28.03 -1.82
C ALA A 61 -2.12 28.01 -0.55
N LEU A 62 -1.71 28.75 0.47
CA LEU A 62 -2.48 28.78 1.71
C LEU A 62 -3.82 29.48 1.53
N GLN A 63 -4.02 30.21 0.44
CA GLN A 63 -5.29 30.87 0.20
C GLN A 63 -6.33 29.94 -0.42
N GLN A 64 -5.93 28.76 -0.87
CA GLN A 64 -6.86 27.78 -1.40
C GLN A 64 -7.04 26.58 -0.48
N ALA A 65 -6.38 26.57 0.67
CA ALA A 65 -6.35 25.39 1.53
C ALA A 65 -7.57 25.29 2.43
N ASN A 66 -7.92 24.06 2.76
CA ASN A 66 -8.94 23.79 3.76
C ASN A 66 -8.38 23.73 5.18
N GLN A 67 -7.10 23.36 5.31
CA GLN A 67 -6.47 23.16 6.60
C GLN A 67 -5.01 23.60 6.51
N VAL A 68 -4.49 24.10 7.63
CA VAL A 68 -3.07 24.41 7.76
C VAL A 68 -2.60 23.83 9.09
N TYR A 69 -1.37 23.34 9.13
CA TYR A 69 -0.76 22.78 10.32
C TYR A 69 0.38 23.70 10.72
N LEU A 70 0.18 24.48 11.77
CA LEU A 70 1.06 25.58 12.14
C LEU A 70 2.06 25.11 13.19
N HIS A 71 3.33 25.03 12.79
CA HIS A 71 4.38 24.67 13.71
C HIS A 71 4.57 25.75 14.76
N GLN A 72 4.75 25.33 16.00
CA GLN A 72 4.83 26.28 17.09
C GLN A 72 5.96 26.03 18.09
N GLY A 73 6.76 25.01 17.91
CA GLY A 73 7.87 24.78 18.81
C GLY A 73 8.19 23.31 18.93
N GLU A 74 8.99 23.00 19.94
CA GLU A 74 9.47 21.64 20.12
C GLU A 74 9.78 21.38 21.57
N VAL A 75 9.58 20.15 22.01
CA VAL A 75 10.04 19.68 23.30
C VAL A 75 11.30 18.87 23.07
N VAL A 76 12.41 19.31 23.65
CA VAL A 76 13.71 18.69 23.45
C VAL A 76 14.41 18.50 24.79
N ILE A 77 15.42 17.64 24.79
CA ILE A 77 16.23 17.42 25.98
C ILE A 77 17.39 18.42 25.96
N ARG A 78 17.48 19.27 26.98
CA ARG A 78 18.57 20.24 27.05
C ARG A 78 19.69 19.78 27.99
N GLN A 79 19.39 19.57 29.28
CA GLN A 79 20.36 19.00 30.22
C GLN A 79 19.68 17.80 30.86
N ARG A 80 19.64 16.68 30.14
CA ARG A 80 18.90 15.49 30.54
C ARG A 80 17.52 15.85 31.07
N ALA A 81 16.93 16.94 30.58
CA ALA A 81 15.67 17.43 31.10
C ALA A 81 14.86 18.07 29.99
N ALA A 82 13.58 17.72 29.93
CA ALA A 82 12.70 18.24 28.88
C ALA A 82 12.65 19.76 28.93
N TRP A 83 12.43 20.36 27.78
CA TRP A 83 12.47 21.81 27.64
C TRP A 83 11.66 22.18 26.42
N PHE A 84 10.67 23.05 26.59
CA PHE A 84 9.86 23.52 25.47
C PHE A 84 10.47 24.77 24.89
N GLN A 85 10.76 24.73 23.59
CA GLN A 85 11.27 25.88 22.84
C GLN A 85 10.16 26.32 21.91
N LYS A 86 9.59 27.48 22.18
CA LYS A 86 8.59 28.06 21.30
C LYS A 86 9.26 28.56 20.03
N GLY A 88 8.31 29.87 15.67
CA GLY A 88 7.34 30.18 14.66
C GLY A 88 6.56 31.45 14.96
N LEU A 89 5.38 31.52 14.35
CA LEU A 89 4.57 32.71 14.41
C LEU A 89 4.06 32.95 15.83
N PRO A 90 3.94 34.21 16.25
CA PRO A 90 3.27 34.48 17.52
C PRO A 90 1.76 34.31 17.41
N SER A 91 1.16 33.84 18.48
CA SER A 91 -0.28 33.80 18.60
C SER A 91 -0.89 35.14 18.17
N SER A 92 -1.72 35.11 17.15
CA SER A 92 -2.27 36.33 16.59
C SER A 92 -3.37 35.97 15.61
N ARG A 93 -4.11 36.98 15.16
CA ARG A 93 -5.07 36.78 14.09
C ARG A 93 -4.35 36.81 12.74
N LEU A 94 -4.58 35.77 11.94
CA LEU A 94 -3.93 35.65 10.65
C LEU A 94 -4.94 35.16 9.62
N THR A 95 -4.60 35.33 8.34
CA THR A 95 -5.47 34.92 7.24
C THR A 95 -5.14 33.48 6.91
N LEU A 96 -5.77 32.56 7.64
CA LEU A 96 -5.52 31.15 7.48
C LEU A 96 -6.84 30.40 7.55
N PRO A 97 -6.90 29.20 6.96
CA PRO A 97 -8.09 28.35 7.14
C PRO A 97 -8.11 27.75 8.54
N ALA A 98 -9.05 26.86 8.83
CA ALA A 98 -8.99 26.09 10.07
C ALA A 98 -7.61 25.51 10.27
N TRP A 100 -4.38 23.59 12.81
CA TRP A 100 -3.80 22.80 13.89
C TRP A 100 -2.57 23.52 14.42
N VAL A 101 -2.32 23.37 15.72
CA VAL A 101 -1.04 23.75 16.30
C VAL A 101 -0.17 22.51 16.35
N THR A 102 1.01 22.57 15.74
CA THR A 102 1.90 21.42 15.66
C THR A 102 3.12 21.63 16.53
N VAL A 103 3.46 20.63 17.30
CA VAL A 103 4.65 20.66 18.16
C VAL A 103 5.43 19.38 17.96
N ARG A 104 6.74 19.51 17.74
CA ARG A 104 7.61 18.35 17.56
C ARG A 104 8.08 17.84 18.92
N ILE A 105 7.89 16.56 19.17
CA ILE A 105 8.17 15.93 20.44
C ILE A 105 9.32 14.95 20.22
N THR A 106 10.48 15.26 20.78
CA THR A 106 11.66 14.42 20.66
C THR A 106 11.94 13.59 21.91
N THR A 107 11.08 13.68 22.93
CA THR A 107 11.19 12.85 24.12
C THR A 107 9.80 12.68 24.73
N LEU A 108 9.59 11.55 25.38
CA LEU A 108 8.35 11.29 26.09
C LEU A 108 8.49 11.45 27.61
N ASP A 109 9.66 11.87 28.09
CA ASP A 109 9.86 12.15 29.51
C ASP A 109 9.61 13.64 29.74
N VAL A 110 8.33 14.00 29.83
CA VAL A 110 7.90 15.39 29.84
C VAL A 110 7.02 15.64 31.04
N PRO A 111 7.37 16.55 31.94
CA PRO A 111 6.51 16.85 33.08
C PRO A 111 5.20 17.54 32.67
N ASP A 112 4.29 17.62 33.65
CA ASP A 112 2.97 18.17 33.40
C ASP A 112 3.00 19.66 33.09
N ASP A 113 4.03 20.39 33.53
CA ASP A 113 4.07 21.83 33.25
C ASP A 113 4.27 22.10 31.77
N ILE A 114 5.14 21.34 31.12
CA ILE A 114 5.33 21.48 29.68
C ILE A 114 4.05 21.08 28.96
N LEU A 115 3.38 20.03 29.41
CA LEU A 115 2.12 19.64 28.79
C LEU A 115 1.07 20.74 28.91
N ALA A 116 1.05 21.42 30.07
CA ALA A 116 0.16 22.56 30.23
C ALA A 116 0.46 23.65 29.22
N ILE A 117 1.75 23.92 28.98
CA ILE A 117 2.11 24.88 27.94
C ILE A 117 1.57 24.43 26.59
N LEU A 118 1.82 23.17 26.25
CA LEU A 118 1.42 22.65 24.94
C LEU A 118 -0.06 22.82 24.73
N ILE A 119 -0.88 22.43 25.71
CA ILE A 119 -2.32 22.49 25.53
C ILE A 119 -2.85 23.91 25.67
N ASP A 120 -2.07 24.84 26.21
CA ASP A 120 -2.49 26.23 26.16
C ASP A 120 -2.33 26.80 24.76
N LEU A 121 -1.38 26.30 24.00
CA LEU A 121 -1.18 26.87 22.68
C LEU A 121 -2.44 26.95 21.83
N PRO A 122 -3.15 25.85 21.56
CA PRO A 122 -4.41 25.98 20.79
C PRO A 122 -5.39 26.95 21.42
N ARG A 123 -5.44 26.97 22.75
CA ARG A 123 -6.28 27.94 23.45
C ARG A 123 -5.90 29.36 23.06
N ARG A 124 -4.61 29.68 23.06
CA ARG A 124 -4.17 31.03 22.75
C ARG A 124 -4.47 31.39 21.30
N TRP A 125 -4.27 30.45 20.38
CA TRP A 125 -4.56 30.75 18.97
C TRP A 125 -6.05 30.94 18.74
N ALA A 126 -6.89 30.18 19.46
CA ALA A 126 -8.33 30.37 19.36
C ALA A 126 -8.75 31.73 19.92
N ALA A 127 -8.16 32.12 21.06
CA ALA A 127 -8.50 33.39 21.66
C ALA A 127 -8.08 34.58 20.81
N ALA A 128 -7.20 34.38 19.83
CA ALA A 128 -6.84 35.43 18.90
C ALA A 128 -7.85 35.56 17.77
N GLY A 129 -8.84 34.67 17.69
CA GLY A 129 -9.85 34.73 16.68
C GLY A 129 -9.70 33.78 15.51
N ASN A 130 -8.86 32.77 15.62
CA ASN A 130 -8.70 31.78 14.56
C ASN A 130 -9.54 30.54 14.85
N GLN A 131 -9.97 29.87 13.77
CA GLN A 131 -10.64 28.59 13.92
C GLN A 131 -9.57 27.51 14.11
N VAL A 132 -9.49 26.97 15.32
CA VAL A 132 -8.45 26.01 15.69
C VAL A 132 -9.09 24.63 15.79
N ILE A 133 -8.54 23.67 15.06
CA ILE A 133 -9.02 22.29 15.09
C ILE A 133 -8.48 21.57 16.33
N GLY A 134 -7.20 21.74 16.63
CA GLY A 134 -6.63 21.11 17.79
C GLY A 134 -5.12 21.10 17.73
N LEU A 135 -4.56 20.10 18.42
CA LEU A 135 -3.12 19.94 18.60
C LEU A 135 -2.63 18.69 17.89
N GLN A 136 -1.55 18.84 17.14
CA GLN A 136 -0.90 17.74 16.46
C GLN A 136 0.50 17.59 17.04
N ILE A 137 0.79 16.40 17.54
CA ILE A 137 2.09 16.04 18.07
C ILE A 137 2.87 15.35 16.96
N ASP A 138 4.02 15.90 16.64
CA ASP A 138 4.91 15.34 15.62
C ASP A 138 5.99 14.53 16.33
N PHE A 139 5.85 13.22 16.32
CA PHE A 139 6.72 12.34 17.08
C PHE A 139 8.04 12.15 16.33
N ASP A 140 9.12 12.63 16.92
CA ASP A 140 10.47 12.53 16.38
C ASP A 140 11.41 12.08 17.49
N ALA A 141 11.02 11.03 18.21
CA ALA A 141 11.57 10.76 19.53
C ALA A 141 12.28 9.43 19.64
N GLY A 142 12.92 8.98 18.57
CA GLY A 142 13.67 7.76 18.64
C GLY A 142 12.78 6.56 18.89
N THR A 143 13.25 5.68 19.76
CA THR A 143 12.63 4.38 19.96
C THR A 143 11.97 4.30 21.33
N TYR A 144 10.64 4.29 21.34
CA TYR A 144 9.83 3.92 22.50
C TYR A 144 8.90 2.79 22.10
N ARG A 145 8.32 2.11 23.09
CA ARG A 145 7.28 1.13 22.83
C ARG A 145 5.98 1.87 22.57
N LEU A 146 5.07 1.26 21.81
CA LEU A 146 3.86 1.96 21.45
C LEU A 146 2.98 2.24 22.66
N ASP A 147 3.11 1.44 23.72
CA ASP A 147 2.44 1.76 24.98
C ASP A 147 2.91 3.10 25.52
N ASP A 148 4.18 3.45 25.29
CA ASP A 148 4.69 4.75 25.71
C ASP A 148 3.99 5.88 24.98
N TYR A 149 3.92 5.80 23.66
CA TYR A 149 3.24 6.83 22.88
C TYR A 149 1.79 6.93 23.30
N ALA A 150 1.13 5.78 23.52
CA ALA A 150 -0.26 5.80 23.96
C ALA A 150 -0.40 6.52 25.29
N GLY A 151 0.52 6.27 26.22
CA GLY A 151 0.44 6.96 27.50
C GLY A 151 0.67 8.45 27.39
N PHE A 152 1.63 8.85 26.57
CA PHE A 152 1.87 10.28 26.33
C PHE A 152 0.62 10.94 25.78
N LEU A 153 -0.01 10.32 24.79
CA LEU A 153 -1.20 10.89 24.17
C LEU A 153 -2.39 10.89 25.15
N ARG A 154 -2.48 9.89 26.02
CA ARG A 154 -3.52 9.91 27.03
C ARG A 154 -3.33 11.09 27.98
N ARG A 155 -2.08 11.35 28.38
CA ARG A 155 -1.82 12.49 29.25
C ARG A 155 -2.23 13.79 28.56
N VAL A 156 -1.77 13.97 27.31
CA VAL A 156 -2.10 15.18 26.57
C VAL A 156 -3.62 15.34 26.47
N ARG A 157 -4.31 14.28 26.05
CA ARG A 157 -5.76 14.33 25.92
C ARG A 157 -6.40 14.71 27.24
N THR A 158 -5.85 14.21 28.36
CA THR A 158 -6.41 14.58 29.65
C THR A 158 -6.32 16.08 29.87
N LYS A 159 -5.18 16.68 29.50
CA LYS A 159 -5.00 18.10 29.76
C LYS A 159 -5.52 19.00 28.65
N LEU A 160 -5.84 18.46 27.48
CA LEU A 160 -6.30 19.26 26.34
C LEU A 160 -7.78 19.53 26.44
N ASP A 161 -8.18 20.75 26.10
CA ASP A 161 -9.58 21.13 26.19
C ASP A 161 -10.41 20.24 25.28
N PRO A 162 -11.57 19.77 25.72
CA PRO A 162 -12.29 18.73 24.96
C PRO A 162 -12.77 19.19 23.59
N ASN A 163 -12.84 20.49 23.33
CA ASN A 163 -13.25 20.96 22.02
C ASN A 163 -12.16 20.75 20.97
N PHE A 164 -10.93 20.52 21.41
CA PHE A 164 -9.80 20.39 20.50
C PHE A 164 -9.54 18.92 20.21
N ALA A 165 -9.29 18.61 18.94
CA ALA A 165 -8.91 17.26 18.54
C ALA A 165 -7.43 17.03 18.76
N LEU A 166 -7.05 15.76 18.81
CA LEU A 166 -5.66 15.37 19.05
C LEU A 166 -5.17 14.58 17.85
N GLY A 167 -4.17 15.11 17.17
CA GLY A 167 -3.62 14.46 16.00
C GLY A 167 -2.19 13.99 16.19
N VAL A 168 -1.77 13.06 15.33
CA VAL A 168 -0.43 12.49 15.35
C VAL A 168 0.13 12.53 13.95
N THR A 169 1.45 12.73 13.86
CA THR A 169 2.17 12.67 12.61
C THR A 169 3.59 12.23 12.91
N GLY A 170 4.24 11.65 11.91
CA GLY A 170 5.62 11.25 12.06
C GLY A 170 6.04 10.43 10.86
N LEU A 171 7.33 10.11 10.84
CA LEU A 171 7.90 9.36 9.73
C LEU A 171 7.37 7.94 9.73
N LEU A 172 7.29 7.35 8.54
CA LEU A 172 6.42 6.21 8.30
C LEU A 172 6.46 5.17 9.41
N ASP A 173 7.62 4.55 9.64
CA ASP A 173 7.80 3.56 10.69
C ASP A 173 6.83 2.38 10.59
N GLN A 181 -3.26 -3.86 12.86
CA GLN A 181 -2.21 -2.85 13.00
C GLN A 181 -2.30 -2.18 14.36
N GLN A 182 -1.14 -1.94 14.97
CA GLN A 182 -1.10 -1.43 16.32
C GLN A 182 -1.57 0.01 16.39
N LEU A 183 -1.30 0.80 15.36
CA LEU A 183 -1.60 2.22 15.39
C LEU A 183 -3.05 2.50 15.76
N ASN A 184 -3.96 1.57 15.49
CA ASN A 184 -5.36 1.83 15.73
C ASN A 184 -5.69 1.98 17.21
N ALA A 185 -4.81 1.51 18.09
CA ALA A 185 -5.04 1.62 19.53
C ALA A 185 -4.73 3.00 20.08
N LEU A 186 -4.17 3.89 19.28
CA LEU A 186 -3.74 5.20 19.78
C LEU A 186 -4.95 6.09 20.03
N PRO A 187 -5.02 6.78 21.16
CA PRO A 187 -6.16 7.64 21.48
C PRO A 187 -6.10 8.98 20.75
N ILE A 188 -6.32 8.92 19.44
CA ILE A 188 -6.09 10.07 18.56
C ILE A 188 -7.28 10.22 17.63
N ASP A 189 -7.35 11.37 16.99
CA ASP A 189 -8.40 11.70 16.06
C ASP A 189 -7.94 11.70 14.60
N GLU A 190 -6.65 11.88 14.35
CA GLU A 190 -6.12 11.93 12.99
C GLU A 190 -4.65 11.53 13.03
N LEU A 191 -4.21 10.81 11.99
CA LEU A 191 -2.82 10.40 11.85
C LEU A 191 -2.33 10.83 10.48
N VAL A 192 -1.15 11.40 10.43
CA VAL A 192 -0.54 11.81 9.17
C VAL A 192 0.80 11.09 9.03
N ILE A 193 0.93 10.32 7.95
CA ILE A 193 2.13 9.52 7.70
C ILE A 193 3.06 10.34 6.81
N GLN A 194 4.21 10.73 7.33
CA GLN A 194 5.15 11.54 6.58
C GLN A 194 5.99 10.67 5.66
N THR A 195 6.25 11.18 4.46
CA THR A 195 7.00 10.45 3.44
C THR A 195 8.31 11.12 3.10
N TYR A 196 8.73 12.11 3.87
CA TYR A 196 9.86 12.93 3.53
C TYR A 196 10.82 13.07 4.70
N GLN A 197 12.05 13.45 4.38
CA GLN A 197 13.03 13.87 5.36
C GLN A 197 13.71 15.12 4.82
N GLY A 198 13.57 16.24 5.53
CA GLY A 198 14.10 17.49 5.02
C GLY A 198 13.38 17.90 3.75
N ARG A 199 14.15 18.10 2.69
CA ARG A 199 13.60 18.58 1.44
C ARG A 199 13.26 17.45 0.48
N SER A 200 13.47 16.20 0.89
CA SER A 200 13.36 15.08 -0.04
C SER A 200 12.39 14.02 0.45
N THR A 201 11.67 13.41 -0.48
CA THR A 201 10.93 12.20 -0.20
C THR A 201 11.91 11.06 0.11
N VAL A 202 11.59 10.26 1.11
CA VAL A 202 12.44 9.15 1.46
C VAL A 202 12.33 8.08 0.37
N ASN A 203 13.47 7.59 -0.09
CA ASN A 203 13.47 6.53 -1.09
C ASN A 203 12.79 5.29 -0.53
N GLN A 204 11.93 4.67 -1.34
CA GLN A 204 11.22 3.47 -0.95
C GLN A 204 10.22 3.73 0.16
N TYR A 205 9.70 4.96 0.23
CA TYR A 205 8.51 5.23 1.01
C TYR A 205 7.38 4.27 0.66
N SER A 206 7.29 3.87 -0.61
CA SER A 206 6.21 3.03 -1.06
C SER A 206 6.10 1.75 -0.27
N ARG A 207 7.18 1.31 0.36
CA ARG A 207 7.16 0.07 1.13
C ARG A 207 6.14 0.12 2.25
N TYR A 208 5.81 1.31 2.75
CA TYR A 208 4.95 1.43 3.92
C TYR A 208 3.49 1.68 3.59
N LEU A 209 3.18 2.02 2.36
CA LEU A 209 1.83 2.45 2.03
C LEU A 209 0.83 1.34 1.83
N PRO A 210 1.22 0.18 1.28
CA PRO A 210 0.21 -0.87 1.06
C PRO A 210 -0.63 -1.21 2.28
N ALA A 211 -0.04 -1.27 3.45
CA ALA A 211 -0.76 -1.71 4.64
C ALA A 211 -1.66 -0.65 5.24
N LEU A 212 -1.60 0.59 4.78
CA LEU A 212 -2.41 1.65 5.35
C LEU A 212 -3.89 1.43 5.11
N LEU A 213 -4.27 0.55 4.20
CA LEU A 213 -5.67 0.19 4.04
C LEU A 213 -6.23 -0.53 5.26
N GLN A 214 -5.39 -0.89 6.21
CA GLN A 214 -5.81 -1.52 7.45
C GLN A 214 -6.04 -0.51 8.57
N LEU A 215 -5.78 0.77 8.33
CA LEU A 215 -6.00 1.78 9.36
C LEU A 215 -7.50 1.96 9.61
N ARG A 216 -7.86 2.17 10.87
CA ARG A 216 -9.24 2.34 11.28
C ARG A 216 -9.45 3.71 11.94
N LEU A 217 -8.66 4.70 11.55
CA LEU A 217 -8.82 6.08 11.98
C LEU A 217 -8.53 6.98 10.79
N PRO A 218 -9.08 8.19 10.79
CA PRO A 218 -8.79 9.12 9.69
C PRO A 218 -7.29 9.38 9.57
N PHE A 219 -6.78 9.24 8.34
CA PHE A 219 -5.35 9.40 8.10
C PHE A 219 -5.11 10.14 6.79
N LYS A 220 -3.93 10.76 6.74
CA LYS A 220 -3.47 11.52 5.60
C LYS A 220 -2.03 11.15 5.33
N ILE A 221 -1.55 11.52 4.14
CA ILE A 221 -0.16 11.31 3.74
C ILE A 221 0.50 12.67 3.64
N GLY A 222 1.66 12.82 4.29
CA GLY A 222 2.42 14.05 4.25
C GLY A 222 3.53 13.95 3.21
N LEU A 223 3.57 14.94 2.34
CA LEU A 223 4.51 15.01 1.24
C LEU A 223 5.28 16.31 1.38
N VAL A 224 6.51 16.32 0.92
CA VAL A 224 7.29 17.56 0.91
C VAL A 224 7.12 18.25 -0.44
N GLN A 225 7.04 19.57 -0.41
CA GLN A 225 6.91 20.34 -1.62
C GLN A 225 8.06 20.02 -2.57
N HIS A 226 7.70 19.72 -3.81
CA HIS A 226 8.62 19.38 -4.90
C HIS A 226 9.32 18.05 -4.70
N GLY A 227 8.84 17.24 -3.79
CA GLY A 227 9.41 15.92 -3.62
C GLY A 227 8.89 14.95 -4.65
N GLU A 228 9.59 13.83 -4.78
CA GLU A 228 9.13 12.73 -5.60
C GLU A 228 7.88 12.11 -4.99
N TRP A 229 6.90 11.81 -5.84
CA TRP A 229 5.64 11.27 -5.37
C TRP A 229 4.93 10.64 -6.56
N ASP A 230 4.42 9.42 -6.37
CA ASP A 230 3.59 8.77 -7.36
C ASP A 230 2.13 8.97 -6.98
N PRO A 231 1.38 9.85 -7.64
CA PRO A 231 0.01 10.10 -7.22
C PRO A 231 -0.95 8.92 -7.41
N GLN A 232 -0.54 7.86 -8.13
CA GLN A 232 -1.39 6.68 -8.19
C GLN A 232 -1.68 6.16 -6.79
N TRP A 233 -0.71 6.28 -5.88
CA TRP A 233 -0.91 5.87 -4.49
C TRP A 233 -2.15 6.53 -3.89
N GLU A 234 -2.37 7.81 -4.20
CA GLU A 234 -3.58 8.49 -3.75
C GLU A 234 -4.81 7.64 -4.06
N GLN A 235 -4.99 7.28 -5.34
CA GLN A 235 -6.13 6.45 -5.72
C GLN A 235 -6.15 5.16 -4.92
N TYR A 236 -5.00 4.50 -4.79
CA TYR A 236 -4.93 3.29 -3.98
C TYR A 236 -5.55 3.54 -2.61
N LEU A 237 -5.04 4.55 -1.91
CA LEU A 237 -5.51 4.80 -0.57
C LEU A 237 -6.95 5.29 -0.55
N ALA A 238 -7.47 5.76 -1.68
CA ALA A 238 -8.87 6.14 -1.76
C ALA A 238 -9.80 4.96 -1.54
N ALA A 239 -9.29 3.73 -1.59
CA ALA A 239 -10.14 2.59 -1.27
C ALA A 239 -10.64 2.66 0.16
N SER A 240 -9.89 3.29 1.06
CA SER A 240 -10.26 3.30 2.46
C SER A 240 -11.24 4.42 2.75
N PRO A 241 -12.35 4.14 3.44
CA PRO A 241 -13.23 5.23 3.87
C PRO A 241 -12.60 6.16 4.89
N PHE A 242 -11.42 5.82 5.40
CA PHE A 242 -10.74 6.62 6.40
C PHE A 242 -9.68 7.54 5.81
N TYR A 243 -9.45 7.50 4.50
CA TYR A 243 -8.43 8.34 3.88
C TYR A 243 -8.95 9.75 3.68
N ARG A 244 -8.20 10.74 4.16
CA ARG A 244 -8.60 12.13 4.11
C ARG A 244 -7.67 12.98 3.27
N GLY A 245 -6.82 12.36 2.47
CA GLY A 245 -6.03 13.10 1.52
C GLY A 245 -4.60 13.35 1.93
N GLU A 246 -4.04 14.47 1.47
CA GLU A 246 -2.62 14.74 1.56
C GLU A 246 -2.40 16.08 2.25
N VAL A 247 -1.23 16.20 2.86
CA VAL A 247 -0.75 17.43 3.47
C VAL A 247 0.64 17.71 2.93
N VAL A 248 0.90 18.96 2.54
CA VAL A 248 2.16 19.31 1.89
C VAL A 248 2.99 20.19 2.82
N PHE A 249 4.25 19.81 2.99
CA PHE A 249 5.22 20.58 3.77
C PHE A 249 5.84 21.63 2.86
N LEU A 250 5.47 22.89 3.08
CA LEU A 250 5.98 23.97 2.26
C LEU A 250 7.43 24.25 2.60
N LEU A 251 8.22 24.60 1.60
CA LEU A 251 9.63 24.87 1.74
C LEU A 251 9.97 26.26 1.21
N ASN A 252 11.02 26.85 1.76
CA ASN A 252 11.62 28.04 1.21
C ASN A 252 12.67 27.66 0.17
N HIS A 253 13.03 28.62 -0.67
CA HIS A 253 14.12 28.42 -1.60
C HIS A 253 15.41 28.17 -0.83
N LEU A 254 16.30 27.38 -1.42
CA LEU A 254 17.66 27.28 -0.92
C LEU A 254 18.38 28.59 -1.23
N ARG A 255 19.27 29.01 -0.33
CA ARG A 255 20.05 30.22 -0.59
C ARG A 255 20.87 30.06 -1.86
N SER A 256 21.19 28.82 -2.24
CA SER A 256 21.99 28.54 -3.42
C SER A 256 21.22 28.69 -4.71
N GLU A 257 19.90 28.76 -4.66
CA GLU A 257 19.07 28.86 -5.85
C GLU A 257 18.37 30.21 -5.95
N SER B 39 -8.16 -33.83 5.57
CA SER B 39 -8.63 -32.74 4.70
C SER B 39 -9.06 -31.51 5.49
N HIS B 40 -8.09 -30.77 6.01
CA HIS B 40 -8.29 -29.60 6.84
C HIS B 40 -8.54 -28.39 5.95
N LYS B 41 -8.43 -27.22 6.55
CA LYS B 41 -8.55 -25.96 5.84
C LYS B 41 -7.17 -25.45 5.46
N VAL B 42 -7.14 -24.59 4.46
CA VAL B 42 -5.90 -23.99 4.00
C VAL B 42 -5.58 -22.80 4.90
N TYR B 43 -4.41 -22.84 5.53
CA TYR B 43 -3.92 -21.75 6.35
C TYR B 43 -2.62 -21.24 5.76
N ALA B 44 -2.49 -19.91 5.67
CA ALA B 44 -1.38 -19.32 4.95
C ALA B 44 -0.04 -19.64 5.61
N HIS B 45 -0.01 -19.83 6.93
CA HIS B 45 1.26 -20.09 7.61
C HIS B 45 1.88 -21.42 7.18
N ASP B 46 1.20 -22.23 6.36
CA ASP B 46 1.71 -23.51 5.92
C ASP B 46 2.27 -23.49 4.49
N TYR B 47 2.25 -22.34 3.81
CA TYR B 47 2.65 -22.25 2.41
C TYR B 47 3.58 -21.06 2.20
N GLN B 48 4.23 -21.06 1.03
CA GLN B 48 5.31 -20.13 0.75
C GLN B 48 5.09 -19.30 -0.51
N ALA B 49 3.92 -19.37 -1.12
CA ALA B 49 3.62 -18.62 -2.32
C ALA B 49 2.18 -18.16 -2.25
N PHE B 50 1.93 -16.94 -2.72
CA PHE B 50 0.63 -16.31 -2.50
C PHE B 50 0.24 -15.40 -3.65
N TRP B 51 -1.07 -15.39 -3.93
CA TRP B 51 -1.69 -14.33 -4.70
C TRP B 51 -2.04 -13.18 -3.75
N LEU B 52 -1.70 -11.96 -4.14
CA LEU B 52 -2.22 -10.76 -3.48
C LEU B 52 -3.12 -10.06 -4.51
N TRP B 53 -4.42 -10.24 -4.37
CA TRP B 53 -5.39 -9.72 -5.32
C TRP B 53 -5.76 -8.28 -5.00
N SER B 54 -6.37 -7.62 -5.98
CA SER B 54 -6.85 -6.27 -5.77
C SER B 54 -7.90 -6.29 -4.68
N GLY B 55 -7.80 -5.34 -3.76
CA GLY B 55 -8.72 -5.25 -2.65
C GLY B 55 -8.38 -6.12 -1.46
N VAL B 56 -7.35 -6.94 -1.55
CA VAL B 56 -6.88 -7.76 -0.46
C VAL B 56 -5.71 -7.04 0.20
N ASN B 57 -5.71 -6.99 1.51
CA ASN B 57 -4.67 -6.27 2.23
C ASN B 57 -3.47 -7.16 2.49
N PRO B 58 -2.28 -6.56 2.64
CA PRO B 58 -1.10 -7.35 2.98
C PRO B 58 -1.29 -8.15 4.27
N GLN B 59 -0.71 -9.34 4.30
CA GLN B 59 -0.75 -10.24 5.44
C GLN B 59 0.66 -10.64 5.82
N PRO B 60 0.88 -11.01 7.08
CA PRO B 60 2.25 -11.37 7.50
C PRO B 60 2.87 -12.48 6.70
N ALA B 61 2.07 -13.43 6.21
CA ALA B 61 2.63 -14.54 5.46
C ALA B 61 3.52 -14.09 4.32
N LEU B 62 3.25 -12.90 3.77
CA LEU B 62 4.01 -12.44 2.61
C LEU B 62 5.47 -12.25 2.94
N GLN B 63 5.80 -12.02 4.21
CA GLN B 63 7.19 -11.84 4.62
C GLN B 63 7.92 -13.15 4.86
N GLN B 64 7.27 -14.29 4.61
CA GLN B 64 7.93 -15.59 4.68
C GLN B 64 7.73 -16.37 3.39
N ALA B 65 7.34 -15.69 2.31
CA ALA B 65 7.03 -16.33 1.04
C ALA B 65 8.22 -16.28 0.09
N ASN B 66 8.34 -17.31 -0.73
CA ASN B 66 9.33 -17.34 -1.80
C ASN B 66 8.83 -16.71 -3.08
N GLN B 67 7.52 -16.64 -3.28
CA GLN B 67 6.91 -16.08 -4.46
C GLN B 67 5.64 -15.34 -4.11
N VAL B 68 5.40 -14.21 -4.78
CA VAL B 68 4.16 -13.46 -4.68
C VAL B 68 3.62 -13.23 -6.10
N TYR B 69 2.33 -13.44 -6.27
CA TYR B 69 1.64 -13.26 -7.54
C TYR B 69 0.77 -12.01 -7.39
N LEU B 70 1.21 -10.90 -7.98
CA LEU B 70 0.61 -9.59 -7.74
C LEU B 70 -0.42 -9.29 -8.83
N HIS B 71 -1.69 -9.30 -8.44
CA HIS B 71 -2.76 -8.91 -9.35
C HIS B 71 -2.57 -7.49 -9.79
N GLN B 72 -2.69 -7.26 -11.09
CA GLN B 72 -2.42 -5.94 -11.63
C GLN B 72 -3.49 -5.44 -12.61
N GLY B 73 -4.61 -6.13 -12.73
CA GLY B 73 -5.70 -5.63 -13.52
C GLY B 73 -6.33 -6.72 -14.34
N GLU B 74 -7.14 -6.30 -15.31
CA GLU B 74 -7.98 -7.23 -16.07
C GLU B 74 -8.15 -6.69 -17.47
N VAL B 75 -8.42 -7.60 -18.41
CA VAL B 75 -8.82 -7.23 -19.76
C VAL B 75 -10.29 -7.59 -19.90
N VAL B 76 -11.15 -6.58 -20.00
CA VAL B 76 -12.59 -6.78 -20.08
C VAL B 76 -13.10 -6.13 -21.37
N ILE B 77 -14.41 -6.20 -21.60
CA ILE B 77 -15.04 -5.53 -22.74
C ILE B 77 -15.80 -4.34 -22.19
N ARG B 78 -15.56 -3.15 -22.74
CA ARG B 78 -16.33 -1.98 -22.35
C ARG B 78 -17.14 -1.40 -23.51
N GLN B 79 -16.50 -0.88 -24.55
CA GLN B 79 -17.22 -0.26 -25.65
C GLN B 79 -17.29 -1.24 -26.84
N ARG B 80 -17.81 -2.43 -26.55
CA ARG B 80 -17.75 -3.53 -27.51
C ARG B 80 -16.32 -3.79 -27.95
N ALA B 81 -15.35 -3.42 -27.11
CA ALA B 81 -13.94 -3.64 -27.42
C ALA B 81 -13.17 -3.96 -26.15
N ALA B 82 -12.03 -4.63 -26.33
CA ALA B 82 -11.16 -4.96 -25.22
C ALA B 82 -10.62 -3.70 -24.57
N TRP B 83 -10.50 -3.73 -23.26
CA TRP B 83 -10.09 -2.59 -22.46
C TRP B 83 -9.33 -3.12 -21.24
N PHE B 84 -8.14 -2.59 -21.00
CA PHE B 84 -7.36 -3.02 -19.85
C PHE B 84 -7.64 -2.09 -18.68
N GLN B 85 -8.13 -2.66 -17.58
CA GLN B 85 -8.32 -1.95 -16.32
C GLN B 85 -7.14 -2.26 -15.41
N LYS B 86 -6.34 -1.25 -15.12
CA LYS B 86 -5.25 -1.37 -14.16
C LYS B 86 -5.82 -1.37 -12.74
N GLY B 88 -4.90 -2.90 -8.38
CA GLY B 88 -3.90 -3.35 -7.45
C GLY B 88 -2.89 -2.28 -7.12
N LEU B 89 -1.74 -2.73 -6.62
CA LEU B 89 -0.70 -1.82 -6.20
C LEU B 89 -0.07 -1.14 -7.40
N PRO B 90 0.25 0.16 -7.29
CA PRO B 90 1.06 0.78 -8.35
C PRO B 90 2.47 0.24 -8.35
N SER B 91 3.02 0.06 -9.55
CA SER B 91 4.40 -0.36 -9.66
C SER B 91 5.29 0.57 -8.84
N SER B 92 6.13 0.00 -8.00
CA SER B 92 6.93 0.77 -7.05
C SER B 92 7.89 -0.18 -6.37
N ARG B 93 8.77 0.39 -5.56
CA ARG B 93 9.68 -0.41 -4.74
C ARG B 93 8.95 -0.88 -3.50
N LEU B 94 8.78 -2.19 -3.35
CA LEU B 94 8.06 -2.78 -2.23
C LEU B 94 8.94 -3.83 -1.58
N THR B 95 8.52 -4.27 -0.39
CA THR B 95 9.23 -5.28 0.37
C THR B 95 8.58 -6.63 0.09
N LEU B 96 8.78 -7.11 -1.13
CA LEU B 96 8.14 -8.32 -1.60
C LEU B 96 9.17 -9.36 -2.00
N PRO B 97 8.79 -10.65 -1.97
CA PRO B 97 9.66 -11.69 -2.57
C PRO B 97 9.70 -11.59 -4.08
N ALA B 98 10.41 -12.50 -4.73
CA ALA B 98 10.34 -12.60 -6.18
C ALA B 98 8.89 -12.62 -6.63
N TRP B 100 5.50 -12.35 -9.53
CA TRP B 100 4.79 -12.44 -10.80
C TRP B 100 3.85 -11.25 -10.89
N VAL B 101 3.52 -10.82 -12.11
CA VAL B 101 2.44 -9.88 -12.35
C VAL B 101 1.28 -10.67 -12.96
N THR B 102 0.14 -10.67 -12.29
CA THR B 102 -1.01 -11.45 -12.73
C THR B 102 -2.05 -10.54 -13.36
N VAL B 103 -2.56 -10.95 -14.53
CA VAL B 103 -3.60 -10.20 -15.22
C VAL B 103 -4.74 -11.16 -15.55
N ARG B 104 -5.96 -10.77 -15.24
CA ARG B 104 -7.13 -11.58 -15.53
C ARG B 104 -7.62 -11.27 -16.95
N ILE B 105 -7.67 -12.30 -17.79
CA ILE B 105 -8.04 -12.18 -19.19
C ILE B 105 -9.43 -12.76 -19.35
N THR B 106 -10.40 -11.91 -19.69
CA THR B 106 -11.79 -12.34 -19.83
C THR B 106 -12.23 -12.45 -21.28
N THR B 107 -11.42 -11.99 -22.24
CA THR B 107 -11.67 -12.19 -23.66
C THR B 107 -10.35 -12.43 -24.35
N LEU B 108 -10.35 -13.30 -25.35
CA LEU B 108 -9.16 -13.53 -26.16
C LEU B 108 -9.13 -12.66 -27.40
N ASP B 109 -10.18 -11.88 -27.65
CA ASP B 109 -10.25 -10.97 -28.80
C ASP B 109 -9.65 -9.63 -28.39
N VAL B 110 -8.32 -9.57 -28.35
CA VAL B 110 -7.59 -8.49 -27.70
C VAL B 110 -6.61 -7.94 -28.73
N PRO B 111 -6.59 -6.62 -28.93
CA PRO B 111 -5.63 -6.04 -29.88
C PRO B 111 -4.21 -6.05 -29.35
N ASP B 112 -3.27 -5.74 -30.25
CA ASP B 112 -1.85 -5.81 -29.94
C ASP B 112 -1.40 -4.70 -28.97
N ASP B 113 -2.08 -3.56 -28.95
CA ASP B 113 -1.65 -2.49 -28.04
C ASP B 113 -1.95 -2.82 -26.59
N ILE B 114 -3.08 -3.47 -26.31
CA ILE B 114 -3.34 -3.95 -24.97
C ILE B 114 -2.28 -4.98 -24.58
N LEU B 115 -1.87 -5.82 -25.52
CA LEU B 115 -0.80 -6.78 -25.24
C LEU B 115 0.50 -6.07 -24.92
N ALA B 116 0.78 -4.97 -25.61
CA ALA B 116 1.95 -4.18 -25.29
C ALA B 116 1.88 -3.68 -23.85
N ILE B 117 0.70 -3.23 -23.42
CA ILE B 117 0.55 -2.75 -22.05
C ILE B 117 0.80 -3.89 -21.06
N LEU B 118 0.22 -5.06 -21.35
CA LEU B 118 0.37 -6.19 -20.44
C LEU B 118 1.83 -6.59 -20.31
N ILE B 119 2.55 -6.68 -21.43
CA ILE B 119 3.94 -7.09 -21.35
C ILE B 119 4.82 -5.98 -20.78
N ASP B 120 4.35 -4.74 -20.76
CA ASP B 120 5.12 -3.68 -20.12
C ASP B 120 4.98 -3.68 -18.61
N LEU B 121 3.89 -4.21 -18.10
CA LEU B 121 3.75 -4.29 -16.64
C LEU B 121 4.98 -4.88 -15.93
N PRO B 122 5.42 -6.10 -16.30
CA PRO B 122 6.61 -6.65 -15.62
C PRO B 122 7.86 -5.81 -15.82
N ARG B 123 7.99 -5.17 -16.98
CA ARG B 123 9.08 -4.22 -17.18
C ARG B 123 9.03 -3.11 -16.16
N ARG B 124 7.85 -2.55 -15.90
CA ARG B 124 7.72 -1.47 -14.93
C ARG B 124 8.07 -1.94 -13.52
N TRP B 125 7.62 -3.13 -13.13
CA TRP B 125 7.92 -3.60 -11.77
C TRP B 125 9.39 -3.95 -11.61
N ALA B 126 10.05 -4.43 -12.66
CA ALA B 126 11.50 -4.67 -12.59
C ALA B 126 12.29 -3.36 -12.57
N ALA B 127 11.82 -2.37 -13.31
CA ALA B 127 12.50 -1.07 -13.34
C ALA B 127 12.44 -0.38 -12.00
N ALA B 128 11.46 -0.70 -11.16
CA ALA B 128 11.38 -0.14 -9.82
C ALA B 128 12.29 -0.87 -8.84
N GLY B 129 13.09 -1.82 -9.31
CA GLY B 129 14.02 -2.52 -8.46
C GLY B 129 13.52 -3.81 -7.85
N ASN B 130 12.39 -4.34 -8.31
CA ASN B 130 11.86 -5.57 -7.77
C ASN B 130 12.37 -6.77 -8.54
N GLN B 131 12.32 -7.93 -7.88
CA GLN B 131 12.71 -9.20 -8.50
C GLN B 131 11.47 -9.77 -9.18
N VAL B 132 11.39 -9.64 -10.49
CA VAL B 132 10.19 -9.99 -11.25
C VAL B 132 10.47 -11.24 -12.06
N ILE B 133 9.66 -12.28 -11.83
CA ILE B 133 9.82 -13.54 -12.54
C ILE B 133 9.16 -13.46 -13.92
N GLY B 134 7.97 -12.89 -14.00
CA GLY B 134 7.32 -12.75 -15.30
C GLY B 134 5.86 -12.41 -15.16
N LEU B 135 5.11 -12.77 -16.19
CA LEU B 135 3.70 -12.42 -16.35
C LEU B 135 2.85 -13.69 -16.33
N GLN B 136 1.84 -13.67 -15.47
CA GLN B 136 0.90 -14.77 -15.35
C GLN B 136 -0.43 -14.35 -15.93
N ILE B 137 -0.96 -15.17 -16.82
CA ILE B 137 -2.27 -14.95 -17.44
C ILE B 137 -3.28 -15.78 -16.67
N ASP B 138 -4.26 -15.11 -16.08
CA ASP B 138 -5.35 -15.77 -15.36
C ASP B 138 -6.55 -15.81 -16.31
N PHE B 139 -6.74 -16.95 -16.95
CA PHE B 139 -7.82 -17.11 -17.90
C PHE B 139 -9.16 -17.17 -17.17
N ASP B 140 -10.02 -16.20 -17.44
CA ASP B 140 -11.38 -16.14 -16.92
C ASP B 140 -12.34 -15.80 -18.05
N ALA B 141 -12.18 -16.50 -19.18
CA ALA B 141 -12.85 -16.15 -20.43
C ALA B 141 -14.02 -17.08 -20.73
N GLY B 142 -14.56 -17.76 -19.73
CA GLY B 142 -15.58 -18.75 -20.01
C GLY B 142 -14.98 -19.92 -20.76
N THR B 143 -15.70 -20.40 -21.74
CA THR B 143 -15.32 -21.59 -22.49
C THR B 143 -14.75 -21.16 -23.83
N TYR B 144 -13.45 -21.42 -24.02
CA TYR B 144 -12.77 -21.25 -25.30
C TYR B 144 -12.18 -22.60 -25.72
N ARG B 145 -11.81 -22.71 -26.99
CA ARG B 145 -11.11 -23.90 -27.46
C ARG B 145 -9.62 -23.77 -27.17
N LEU B 146 -8.94 -24.92 -27.10
CA LEU B 146 -7.51 -24.93 -26.78
C LEU B 146 -6.71 -24.20 -27.84
N ASP B 147 -7.22 -24.19 -29.08
CA ASP B 147 -6.54 -23.47 -30.16
C ASP B 147 -6.56 -21.97 -29.93
N ASP B 148 -7.65 -21.42 -29.40
CA ASP B 148 -7.73 -20.01 -29.09
C ASP B 148 -6.66 -19.62 -28.07
N TYR B 149 -6.62 -20.32 -26.93
CA TYR B 149 -5.63 -20.03 -25.90
C TYR B 149 -4.23 -20.18 -26.47
N ALA B 150 -3.98 -21.21 -27.27
CA ALA B 150 -2.65 -21.40 -27.84
C ALA B 150 -2.22 -20.20 -28.64
N GLY B 151 -3.11 -19.68 -29.50
CA GLY B 151 -2.77 -18.52 -30.29
C GLY B 151 -2.52 -17.29 -29.44
N PHE B 152 -3.40 -17.05 -28.47
CA PHE B 152 -3.24 -15.90 -27.59
C PHE B 152 -1.89 -15.94 -26.87
N LEU B 153 -1.55 -17.10 -26.31
CA LEU B 153 -0.29 -17.23 -25.58
C LEU B 153 0.90 -17.12 -26.51
N ARG B 154 0.80 -17.61 -27.76
CA ARG B 154 1.86 -17.39 -28.73
C ARG B 154 2.11 -15.91 -28.94
N ARG B 155 1.03 -15.13 -29.09
CA ARG B 155 1.18 -13.70 -29.30
C ARG B 155 1.86 -13.05 -28.09
N VAL B 156 1.34 -13.33 -26.89
CA VAL B 156 1.91 -12.76 -25.68
C VAL B 156 3.39 -13.11 -25.58
N ARG B 157 3.73 -14.39 -25.79
CA ARG B 157 5.11 -14.82 -25.71
C ARG B 157 5.97 -14.06 -26.71
N THR B 158 5.45 -13.82 -27.91
CA THR B 158 6.22 -13.08 -28.90
C THR B 158 6.53 -11.68 -28.42
N LYS B 159 5.59 -11.04 -27.75
CA LYS B 159 5.81 -9.66 -27.33
C LYS B 159 6.52 -9.53 -25.99
N LEU B 160 6.49 -10.56 -25.15
CA LEU B 160 7.03 -10.47 -23.80
C LEU B 160 8.54 -10.58 -23.80
N ASP B 161 9.20 -9.79 -22.95
CA ASP B 161 10.65 -9.81 -22.87
C ASP B 161 11.12 -11.23 -22.57
N PRO B 162 12.22 -11.67 -23.19
CA PRO B 162 12.60 -13.08 -23.02
C PRO B 162 13.03 -13.42 -21.61
N ASN B 163 13.52 -12.44 -20.86
CA ASN B 163 13.92 -12.70 -19.48
C ASN B 163 12.74 -12.89 -18.55
N PHE B 164 11.51 -12.71 -19.04
CA PHE B 164 10.31 -12.87 -18.23
C PHE B 164 9.63 -14.18 -18.58
N ALA B 165 9.28 -14.97 -17.56
CA ALA B 165 8.56 -16.22 -17.78
C ALA B 165 7.10 -15.94 -18.12
N LEU B 166 6.48 -16.91 -18.77
CA LEU B 166 5.07 -16.83 -19.13
C LEU B 166 4.31 -17.88 -18.34
N GLY B 167 3.42 -17.43 -17.47
CA GLY B 167 2.63 -18.34 -16.67
C GLY B 167 1.16 -18.29 -17.02
N VAL B 168 0.45 -19.37 -16.71
CA VAL B 168 -0.98 -19.48 -16.97
C VAL B 168 -1.65 -20.06 -15.74
N THR B 169 -2.84 -19.55 -15.43
CA THR B 169 -3.68 -20.11 -14.38
C THR B 169 -5.13 -20.03 -14.85
N GLY B 170 -6.00 -20.64 -14.08
CA GLY B 170 -7.41 -20.70 -14.40
C GLY B 170 -8.01 -21.94 -13.77
N LEU B 171 -9.33 -22.01 -13.79
CA LEU B 171 -9.99 -23.11 -13.10
C LEU B 171 -9.59 -24.43 -13.75
N LEU B 172 -10.02 -25.52 -13.12
CA LEU B 172 -9.38 -26.81 -13.28
C LEU B 172 -9.06 -27.17 -14.72
N ASP B 173 -10.08 -27.34 -15.56
CA ASP B 173 -9.91 -27.74 -16.96
C ASP B 173 -8.71 -28.65 -17.19
N GLN B 181 -1.93 -35.02 -22.09
CA GLN B 181 -2.74 -33.86 -22.41
C GLN B 181 -2.14 -33.11 -23.60
N GLN B 182 -3.00 -32.38 -24.31
CA GLN B 182 -2.51 -31.52 -25.39
C GLN B 182 -1.81 -30.29 -24.87
N LEU B 183 -2.06 -29.90 -23.62
CA LEU B 183 -1.52 -28.66 -23.08
C LEU B 183 0.00 -28.65 -23.04
N ASN B 184 0.63 -29.81 -23.07
CA ASN B 184 2.08 -29.87 -22.98
C ASN B 184 2.77 -29.26 -24.17
N ALA B 185 2.02 -28.78 -25.16
CA ALA B 185 2.60 -28.14 -26.33
C ALA B 185 2.84 -26.65 -26.14
N LEU B 186 2.17 -26.02 -25.17
CA LEU B 186 2.07 -24.57 -25.11
C LEU B 186 3.34 -23.91 -24.57
N PRO B 187 3.63 -22.70 -25.02
CA PRO B 187 4.87 -22.01 -24.62
C PRO B 187 4.70 -21.28 -23.31
N ILE B 188 4.38 -22.01 -22.25
CA ILE B 188 4.25 -21.44 -20.93
C ILE B 188 5.28 -22.08 -20.03
N ASP B 189 5.69 -21.34 -19.00
CA ASP B 189 6.70 -21.83 -18.07
C ASP B 189 6.14 -22.31 -16.74
N GLU B 190 4.87 -22.05 -16.45
CA GLU B 190 4.27 -22.48 -15.20
C GLU B 190 2.76 -22.48 -15.36
N LEU B 191 2.13 -23.61 -15.07
CA LEU B 191 0.68 -23.74 -15.11
C LEU B 191 0.16 -23.93 -13.69
N VAL B 192 -0.72 -23.04 -13.25
CA VAL B 192 -1.26 -23.09 -11.90
C VAL B 192 -2.73 -23.46 -12.02
N ILE B 193 -3.09 -24.63 -11.51
CA ILE B 193 -4.45 -25.13 -11.61
C ILE B 193 -5.25 -24.60 -10.43
N GLN B 194 -6.28 -23.81 -10.71
CA GLN B 194 -7.11 -23.24 -9.66
C GLN B 194 -8.12 -24.28 -9.17
N THR B 195 -8.15 -24.51 -7.87
CA THR B 195 -9.11 -25.43 -7.27
C THR B 195 -10.24 -24.69 -6.58
N TYR B 196 -10.28 -23.37 -6.66
CA TYR B 196 -11.24 -22.56 -5.95
C TYR B 196 -12.01 -21.68 -6.92
N GLN B 197 -13.19 -21.26 -6.49
CA GLN B 197 -13.93 -20.18 -7.14
C GLN B 197 -14.52 -19.30 -6.06
N GLY B 198 -14.21 -18.02 -6.10
CA GLY B 198 -14.59 -17.15 -5.00
C GLY B 198 -13.78 -17.50 -3.77
N ARG B 199 -14.49 -17.67 -2.66
CA ARG B 199 -13.86 -17.92 -1.37
C ARG B 199 -13.92 -19.39 -0.98
N SER B 200 -14.30 -20.27 -1.91
CA SER B 200 -14.47 -21.68 -1.61
C SER B 200 -13.82 -22.57 -2.65
N THR B 201 -13.20 -23.65 -2.18
CA THR B 201 -12.75 -24.71 -3.07
C THR B 201 -13.93 -25.29 -3.83
N VAL B 202 -13.73 -25.53 -5.12
CA VAL B 202 -14.81 -26.04 -5.96
C VAL B 202 -15.15 -27.47 -5.55
N ASN B 203 -16.43 -27.81 -5.60
CA ASN B 203 -16.88 -29.12 -5.16
C ASN B 203 -16.32 -30.21 -6.05
N GLN B 204 -15.78 -31.26 -5.45
CA GLN B 204 -15.26 -32.42 -6.19
C GLN B 204 -14.08 -32.03 -7.07
N TYR B 205 -13.27 -31.09 -6.57
CA TYR B 205 -12.04 -30.72 -7.26
C TYR B 205 -11.15 -31.93 -7.51
N SER B 206 -11.16 -32.90 -6.62
CA SER B 206 -10.26 -34.04 -6.73
C SER B 206 -10.40 -34.74 -8.05
N ARG B 207 -11.58 -34.67 -8.69
CA ARG B 207 -11.79 -35.33 -9.97
C ARG B 207 -10.71 -34.97 -10.97
N TYR B 208 -10.15 -33.78 -10.88
CA TYR B 208 -9.27 -33.28 -11.91
C TYR B 208 -7.80 -33.59 -11.66
N LEU B 209 -7.44 -34.01 -10.48
CA LEU B 209 -6.03 -34.00 -10.10
C LEU B 209 -5.21 -35.15 -10.64
N PRO B 210 -5.71 -36.37 -10.74
CA PRO B 210 -4.86 -37.47 -11.21
C PRO B 210 -4.16 -37.19 -12.54
N ALA B 211 -4.92 -36.79 -13.55
CA ALA B 211 -4.35 -36.57 -14.87
C ALA B 211 -3.20 -35.58 -14.87
N LEU B 212 -3.04 -34.79 -13.81
CA LEU B 212 -1.95 -33.83 -13.75
C LEU B 212 -0.59 -34.51 -13.77
N LEU B 213 -0.51 -35.79 -13.41
CA LEU B 213 0.77 -36.47 -13.50
C LEU B 213 1.22 -36.69 -14.94
N GLN B 214 0.35 -36.42 -15.91
CA GLN B 214 0.73 -36.47 -17.32
C GLN B 214 1.14 -35.12 -17.87
N LEU B 215 1.13 -34.07 -17.06
CA LEU B 215 1.65 -32.78 -17.49
C LEU B 215 3.15 -32.87 -17.71
N ARG B 216 3.63 -32.22 -18.76
CA ARG B 216 5.05 -32.17 -19.07
C ARG B 216 5.58 -30.74 -19.03
N LEU B 217 5.02 -29.91 -18.14
CA LEU B 217 5.52 -28.56 -17.91
C LEU B 217 5.32 -28.23 -16.46
N PRO B 218 6.12 -27.32 -15.89
CA PRO B 218 5.99 -27.03 -14.45
C PRO B 218 4.60 -26.56 -14.07
N PHE B 219 4.10 -27.08 -12.96
CA PHE B 219 2.74 -26.79 -12.54
C PHE B 219 2.62 -26.76 -11.02
N LYS B 220 1.71 -25.90 -10.57
CA LYS B 220 1.34 -25.75 -9.16
C LYS B 220 -0.16 -25.91 -9.00
N ILE B 221 -0.59 -26.06 -7.75
CA ILE B 221 -2.00 -26.07 -7.36
C ILE B 221 -2.30 -24.76 -6.64
N GLY B 222 -3.39 -24.10 -7.02
CA GLY B 222 -3.83 -22.88 -6.35
C GLY B 222 -4.99 -23.17 -5.42
N LEU B 223 -4.81 -22.79 -4.16
CA LEU B 223 -5.77 -23.03 -3.10
C LEU B 223 -6.24 -21.70 -2.53
N VAL B 224 -7.50 -21.60 -2.20
CA VAL B 224 -8.02 -20.39 -1.58
C VAL B 224 -7.78 -20.45 -0.07
N GLN B 225 -7.42 -19.33 0.52
CA GLN B 225 -7.16 -19.29 1.95
C GLN B 225 -8.41 -19.66 2.72
N HIS B 226 -8.24 -20.54 3.71
CA HIS B 226 -9.30 -21.06 4.55
C HIS B 226 -10.24 -22.00 3.82
N GLY B 227 -9.93 -22.38 2.60
CA GLY B 227 -10.73 -23.34 1.89
C GLY B 227 -10.41 -24.76 2.30
N GLU B 228 -11.24 -25.70 1.84
CA GLU B 228 -11.03 -27.10 2.12
C GLU B 228 -10.06 -27.70 1.11
N TRP B 229 -9.20 -28.60 1.58
CA TRP B 229 -8.14 -29.16 0.77
C TRP B 229 -7.54 -30.36 1.49
N ASP B 230 -7.36 -31.48 0.79
CA ASP B 230 -6.72 -32.65 1.37
C ASP B 230 -5.25 -32.64 1.02
N PRO B 231 -4.36 -32.35 1.98
CA PRO B 231 -2.94 -32.21 1.61
C PRO B 231 -2.28 -33.47 1.09
N GLN B 232 -2.88 -34.66 1.28
CA GLN B 232 -2.32 -35.86 0.68
C GLN B 232 -2.10 -35.69 -0.82
N TRP B 233 -2.97 -34.93 -1.49
CA TRP B 233 -2.80 -34.68 -2.92
C TRP B 233 -1.41 -34.12 -3.25
N GLU B 234 -0.94 -33.16 -2.44
CA GLU B 234 0.43 -32.67 -2.59
C GLU B 234 1.40 -33.84 -2.69
N GLN B 235 1.42 -34.70 -1.66
CA GLN B 235 2.18 -35.94 -1.67
C GLN B 235 2.04 -36.66 -2.99
N TYR B 236 0.81 -36.96 -3.40
CA TYR B 236 0.57 -37.61 -4.67
C TYR B 236 1.26 -36.87 -5.80
N LEU B 237 0.95 -35.59 -5.97
CA LEU B 237 1.50 -34.86 -7.10
C LEU B 237 3.00 -34.66 -6.97
N ALA B 238 3.58 -34.91 -5.80
CA ALA B 238 5.02 -34.86 -5.66
C ALA B 238 5.72 -35.98 -6.40
N ALA B 239 4.97 -36.96 -6.89
CA ALA B 239 5.57 -38.01 -7.70
C ALA B 239 6.08 -37.47 -9.03
N SER B 240 5.42 -36.47 -9.60
CA SER B 240 5.83 -36.00 -10.91
C SER B 240 7.00 -35.04 -10.79
N PRO B 241 8.02 -35.18 -11.64
CA PRO B 241 9.15 -34.23 -11.59
C PRO B 241 8.76 -32.81 -11.92
N PHE B 242 7.56 -32.60 -12.47
CA PHE B 242 7.13 -31.29 -12.91
C PHE B 242 6.35 -30.52 -11.85
N TYR B 243 6.01 -31.15 -10.72
CA TYR B 243 5.23 -30.47 -9.68
C TYR B 243 6.08 -29.45 -8.97
N ARG B 244 5.54 -28.24 -8.77
CA ARG B 244 6.29 -27.17 -8.12
C ARG B 244 5.66 -26.64 -6.84
N GLY B 245 4.64 -27.32 -6.32
CA GLY B 245 4.08 -26.91 -5.05
C GLY B 245 2.75 -26.20 -5.17
N GLU B 246 2.42 -25.35 -4.20
CA GLU B 246 1.11 -24.73 -4.12
C GLU B 246 1.24 -23.22 -3.93
N VAL B 247 0.15 -22.54 -4.29
CA VAL B 247 0.01 -21.09 -4.16
C VAL B 247 -1.32 -20.84 -3.45
N VAL B 248 -1.34 -19.93 -2.48
CA VAL B 248 -2.55 -19.64 -1.73
C VAL B 248 -3.07 -18.26 -2.11
N PHE B 249 -4.37 -18.17 -2.33
CA PHE B 249 -5.08 -16.93 -2.63
C PHE B 249 -5.50 -16.32 -1.31
N LEU B 250 -4.78 -15.29 -0.86
CA LEU B 250 -5.12 -14.67 0.40
C LEU B 250 -6.49 -14.00 0.32
N LEU B 251 -7.19 -13.96 1.45
CA LEU B 251 -8.51 -13.36 1.55
C LEU B 251 -8.55 -12.43 2.75
N ASN B 252 -9.38 -11.40 2.65
CA ASN B 252 -9.79 -10.63 3.82
C ASN B 252 -10.94 -11.34 4.51
N HIS B 253 -11.02 -11.18 5.82
CA HIS B 253 -12.08 -11.82 6.61
C HIS B 253 -13.44 -11.24 6.25
#